data_2K3Z
#
_entry.id   2K3Z
#
loop_
_entity.id
_entity.type
_entity.pdbx_description
1 polymer "RNA_(5'-R(*GP*UP*CP*GP*AP*GP*CP*UP*G)-3')_"
2 polymer "RNA_(5'-R(*CP*AP*GP*CP*CP*GP*AP*C)-3')_"
#
loop_
_entity_poly.entity_id
_entity_poly.type
_entity_poly.pdbx_seq_one_letter_code
_entity_poly.pdbx_strand_id
1 'polyribonucleotide' GUCGAGCUG A
2 'polyribonucleotide' CAGCCGAC B
#
loop_
_chem_comp.id
_chem_comp.type
_chem_comp.name
_chem_comp.formula
A RNA linking ADENOSINE-5'-MONOPHOSPHATE 'C10 H14 N5 O7 P'
C RNA linking CYTIDINE-5'-MONOPHOSPHATE 'C9 H14 N3 O8 P'
G RNA linking GUANOSINE-5'-MONOPHOSPHATE 'C10 H14 N5 O8 P'
U RNA linking URIDINE-5'-MONOPHOSPHATE 'C9 H13 N2 O9 P'
#